data_7QBY
#
_entry.id   7QBY
#
_entity_poly.entity_id   1
_entity_poly.type   'polypeptide(L)'
_entity_poly.pdbx_seq_one_letter_code
;MGNFKSISASTKMVNGRKITTKRIVENGQERVEVEEDGQLKSLTINGKEQLLRLDNK
;
_entity_poly.pdbx_strand_id   A
#
# COMPACT_ATOMS: atom_id res chain seq x y z
N PHE A 4 13.73 11.99 0.29
CA PHE A 4 14.03 11.06 -0.84
C PHE A 4 13.07 9.88 -0.79
N LYS A 5 12.91 9.22 -1.93
CA LYS A 5 12.01 8.08 -2.01
C LYS A 5 12.67 6.84 -1.42
N SER A 6 11.96 6.19 -0.49
CA SER A 6 12.49 4.99 0.15
C SER A 6 11.85 3.74 -0.46
N ILE A 7 12.68 2.85 -0.99
CA ILE A 7 12.19 1.63 -1.59
C ILE A 7 12.14 0.50 -0.57
N SER A 8 10.97 0.30 0.02
CA SER A 8 10.80 -0.75 1.01
C SER A 8 9.63 -1.66 0.63
N ALA A 9 9.77 -2.95 0.92
CA ALA A 9 8.72 -3.92 0.60
C ALA A 9 8.80 -5.12 1.54
N SER A 10 7.67 -5.81 1.70
CA SER A 10 7.63 -6.99 2.56
C SER A 10 6.66 -8.03 1.99
N THR A 11 6.97 -9.29 2.21
CA THR A 11 6.14 -10.38 1.71
C THR A 11 5.71 -11.31 2.85
N LYS A 12 4.63 -12.05 2.63
CA LYS A 12 4.13 -12.97 3.64
C LYS A 12 3.22 -14.01 3.01
N MET A 13 3.73 -15.24 2.89
CA MET A 13 2.95 -16.33 2.33
C MET A 13 2.14 -17.04 3.43
N VAL A 14 0.90 -16.61 3.61
CA VAL A 14 0.06 -17.17 4.67
C VAL A 14 -1.08 -17.99 4.07
N ASN A 15 -1.18 -19.24 4.49
CA ASN A 15 -2.25 -20.11 4.00
C ASN A 15 -2.30 -20.10 2.48
N GLY A 16 -1.14 -20.12 1.85
CA GLY A 16 -1.07 -20.11 0.39
C GLY A 16 -1.49 -18.76 -0.16
N ARG A 17 -1.23 -17.70 0.60
CA ARG A 17 -1.60 -16.35 0.17
C ARG A 17 -0.41 -15.41 0.29
N LYS A 18 0.29 -15.21 -0.82
CA LYS A 18 1.47 -14.35 -0.83
C LYS A 18 1.07 -12.89 -0.75
N ILE A 19 1.14 -12.31 0.46
CA ILE A 19 0.81 -10.91 0.65
C ILE A 19 2.08 -10.06 0.63
N THR A 20 2.13 -9.10 -0.29
CA THR A 20 3.29 -8.23 -0.42
C THR A 20 2.88 -6.77 -0.32
N THR A 21 3.54 -6.02 0.55
CA THR A 21 3.22 -4.62 0.75
C THR A 21 4.35 -3.73 0.25
N LYS A 22 4.02 -2.81 -0.64
CA LYS A 22 5.03 -1.91 -1.21
C LYS A 22 5.04 -0.58 -0.47
N ARG A 23 6.09 -0.34 0.32
CA ARG A 23 6.21 0.90 1.05
C ARG A 23 7.15 1.86 0.33
N ILE A 24 6.62 3.03 -0.05
CA ILE A 24 7.42 4.03 -0.74
C ILE A 24 7.25 5.39 -0.08
N VAL A 25 8.30 5.84 0.59
CA VAL A 25 8.22 7.08 1.38
C VAL A 25 8.91 8.23 0.65
N GLU A 26 8.11 9.12 0.07
CA GLU A 26 8.65 10.28 -0.62
C GLU A 26 7.82 11.52 -0.32
N ASN A 27 8.49 12.58 0.13
CA ASN A 27 7.80 13.81 0.49
C ASN A 27 6.73 13.55 1.54
N GLY A 28 7.04 12.62 2.45
CA GLY A 28 6.11 12.29 3.54
C GLY A 28 4.88 11.56 3.02
N GLN A 29 5.10 10.64 2.08
CA GLN A 29 4.01 9.88 1.50
C GLN A 29 4.40 8.41 1.34
N GLU A 30 4.03 7.61 2.32
CA GLU A 30 4.31 6.17 2.26
C GLU A 30 3.17 5.42 1.59
N ARG A 31 3.37 5.06 0.33
CA ARG A 31 2.35 4.34 -0.42
C ARG A 31 2.28 2.89 0.04
N VAL A 32 1.08 2.31 -0.03
CA VAL A 32 0.88 0.93 0.39
C VAL A 32 0.23 0.12 -0.72
N GLU A 33 0.84 -1.03 -1.03
CA GLU A 33 0.30 -1.91 -2.07
C GLU A 33 0.31 -3.36 -1.62
N VAL A 34 -0.80 -3.80 -1.03
CA VAL A 34 -0.90 -5.17 -0.54
C VAL A 34 -1.26 -6.11 -1.68
N GLU A 35 -0.57 -7.25 -1.74
CA GLU A 35 -0.79 -8.21 -2.82
C GLU A 35 -1.81 -9.26 -2.40
N GLU A 36 -2.91 -9.34 -3.15
CA GLU A 36 -3.94 -10.33 -2.85
C GLU A 36 -3.95 -11.43 -3.90
N ASP A 37 -3.60 -12.64 -3.49
CA ASP A 37 -3.53 -13.77 -4.41
C ASP A 37 -2.68 -13.41 -5.63
N GLY A 38 -1.55 -12.76 -5.38
CA GLY A 38 -0.66 -12.35 -6.46
C GLY A 38 -1.28 -11.22 -7.28
N GLN A 39 -2.16 -10.45 -6.64
CA GLN A 39 -2.83 -9.34 -7.32
C GLN A 39 -3.09 -8.20 -6.36
N LEU A 40 -2.47 -7.05 -6.62
CA LEU A 40 -2.63 -5.90 -5.75
C LEU A 40 -4.09 -5.45 -5.72
N LYS A 41 -4.58 -5.12 -4.52
CA LYS A 41 -5.95 -4.66 -4.36
C LYS A 41 -6.05 -3.63 -3.24
N SER A 42 -4.91 -3.05 -2.88
CA SER A 42 -4.88 -2.04 -1.82
C SER A 42 -3.95 -0.89 -2.19
N LEU A 43 -4.41 0.34 -1.98
CA LEU A 43 -3.60 1.51 -2.27
C LEU A 43 -3.88 2.62 -1.27
N THR A 44 -2.95 2.83 -0.34
CA THR A 44 -3.11 3.87 0.67
C THR A 44 -1.80 4.62 0.87
N ILE A 45 -1.90 5.80 1.49
CA ILE A 45 -0.70 6.59 1.79
C ILE A 45 -0.61 6.87 3.28
N ASN A 46 0.43 6.35 3.92
CA ASN A 46 0.59 6.52 5.36
C ASN A 46 -0.66 6.08 6.10
N GLY A 47 -1.31 5.03 5.59
CA GLY A 47 -2.51 4.52 6.23
C GLY A 47 -3.66 5.51 6.10
N LYS A 48 -3.74 6.17 4.95
CA LYS A 48 -4.78 7.17 4.72
C LYS A 48 -5.27 7.11 3.28
N GLU A 49 -6.36 6.39 3.06
CA GLU A 49 -6.93 6.28 1.72
C GLU A 49 -7.39 7.64 1.22
N GLN A 50 -7.04 7.97 -0.03
CA GLN A 50 -7.43 9.23 -0.62
C GLN A 50 -8.06 9.02 -1.98
N LEU A 51 -9.00 9.89 -2.35
CA LEU A 51 -9.67 9.79 -3.64
C LEU A 51 -10.16 11.16 -4.10
N LEU A 52 -11.21 11.65 -3.46
CA LEU A 52 -11.76 12.96 -3.81
C LEU A 52 -12.57 13.53 -2.66
N ARG A 53 -13.11 14.73 -2.85
CA ARG A 53 -13.92 15.37 -1.82
C ARG A 53 -14.95 16.29 -2.46
N LEU A 54 -16.05 15.70 -2.92
CA LEU A 54 -17.10 16.48 -3.59
C LEU A 54 -17.67 17.52 -2.64
N ASP A 55 -17.77 17.16 -1.36
CA ASP A 55 -18.33 18.07 -0.36
C ASP A 55 -17.25 19.02 0.15
N ASN A 56 -17.35 20.28 -0.25
CA ASN A 56 -16.38 21.29 0.17
C ASN A 56 -16.47 21.53 1.67
N LYS A 57 -17.71 21.54 2.19
CA LYS A 57 -17.93 21.76 3.61
C LYS A 57 -17.34 23.11 4.03
N PHE A 4 12.74 12.77 0.21
CA PHE A 4 13.66 11.60 0.17
C PHE A 4 12.85 10.33 -0.14
N LYS A 5 13.16 9.70 -1.27
CA LYS A 5 12.47 8.49 -1.66
C LYS A 5 12.98 7.29 -0.88
N SER A 6 12.07 6.39 -0.52
CA SER A 6 12.45 5.19 0.23
C SER A 6 11.92 3.94 -0.46
N ILE A 7 12.77 2.92 -0.55
CA ILE A 7 12.36 1.66 -1.16
C ILE A 7 12.17 0.59 -0.10
N SER A 8 10.93 0.43 0.36
CA SER A 8 10.62 -0.56 1.38
C SER A 8 9.54 -1.51 0.90
N ALA A 9 9.71 -2.80 1.18
CA ALA A 9 8.72 -3.80 0.78
C ALA A 9 8.75 -4.99 1.73
N SER A 10 7.66 -5.74 1.77
CA SER A 10 7.57 -6.91 2.63
C SER A 10 6.76 -8.01 1.96
N THR A 11 6.98 -9.25 2.40
CA THR A 11 6.26 -10.38 1.84
C THR A 11 5.79 -11.33 2.95
N LYS A 12 4.77 -12.12 2.64
CA LYS A 12 4.24 -13.07 3.63
C LYS A 12 3.36 -14.11 2.94
N MET A 13 3.88 -15.32 2.80
CA MET A 13 3.13 -16.40 2.18
C MET A 13 2.32 -17.16 3.22
N VAL A 14 1.04 -16.83 3.32
CA VAL A 14 0.16 -17.46 4.32
C VAL A 14 -0.87 -18.35 3.64
N ASN A 15 -0.88 -19.62 4.01
CA ASN A 15 -1.85 -20.56 3.45
C ASN A 15 -1.88 -20.47 1.93
N GLY A 16 -0.70 -20.40 1.33
CA GLY A 16 -0.59 -20.30 -0.12
C GLY A 16 -1.07 -18.94 -0.60
N ARG A 17 -0.88 -17.92 0.22
CA ARG A 17 -1.29 -16.56 -0.14
C ARG A 17 -0.14 -15.59 0.02
N LYS A 18 0.58 -15.33 -1.08
CA LYS A 18 1.74 -14.45 -1.03
C LYS A 18 1.30 -13.00 -0.90
N ILE A 19 1.36 -12.47 0.31
CA ILE A 19 1.00 -11.08 0.54
C ILE A 19 2.24 -10.19 0.57
N THR A 20 2.27 -9.21 -0.32
CA THR A 20 3.42 -8.30 -0.40
C THR A 20 2.97 -6.85 -0.25
N THR A 21 3.62 -6.13 0.65
CA THR A 21 3.26 -4.73 0.90
C THR A 21 4.34 -3.80 0.36
N LYS A 22 3.94 -2.86 -0.48
CA LYS A 22 4.89 -1.92 -1.08
C LYS A 22 4.91 -0.60 -0.31
N ARG A 23 6.00 -0.37 0.43
CA ARG A 23 6.15 0.87 1.18
C ARG A 23 7.17 1.78 0.51
N ILE A 24 6.70 2.89 -0.03
CA ILE A 24 7.58 3.84 -0.69
C ILE A 24 7.34 5.26 -0.17
N VAL A 25 8.34 5.82 0.50
CA VAL A 25 8.17 7.11 1.16
C VAL A 25 8.78 8.22 0.32
N GLU A 26 7.93 8.94 -0.41
CA GLU A 26 8.39 10.05 -1.23
C GLU A 26 8.07 11.39 -0.55
N ASN A 27 9.10 12.04 -0.04
CA ASN A 27 8.92 13.31 0.65
C ASN A 27 7.90 13.16 1.78
N GLY A 28 7.97 12.04 2.49
CA GLY A 28 7.06 11.79 3.59
C GLY A 28 5.72 11.28 3.09
N GLN A 29 5.77 10.37 2.12
CA GLN A 29 4.54 9.80 1.55
C GLN A 29 4.71 8.32 1.29
N GLU A 30 4.32 7.51 2.28
CA GLU A 30 4.45 6.05 2.15
C GLU A 30 3.18 5.47 1.53
N ARG A 31 3.34 4.88 0.35
CA ARG A 31 2.22 4.22 -0.32
C ARG A 31 2.07 2.79 0.16
N VAL A 32 0.87 2.24 0.01
CA VAL A 32 0.60 0.87 0.46
C VAL A 32 0.04 0.03 -0.69
N GLU A 33 0.60 -1.15 -0.87
CA GLU A 33 0.12 -2.07 -1.90
C GLU A 33 0.22 -3.52 -1.43
N VAL A 34 -0.87 -4.00 -0.83
CA VAL A 34 -0.90 -5.37 -0.33
C VAL A 34 -1.32 -6.33 -1.44
N GLU A 35 -0.57 -7.42 -1.58
CA GLU A 35 -0.84 -8.39 -2.64
C GLU A 35 -1.83 -9.45 -2.17
N GLU A 36 -2.96 -9.55 -2.85
CA GLU A 36 -3.96 -10.55 -2.52
C GLU A 36 -4.09 -11.58 -3.63
N ASP A 37 -3.62 -12.79 -3.37
CA ASP A 37 -3.66 -13.85 -4.38
C ASP A 37 -3.04 -13.38 -5.68
N GLY A 38 -1.89 -12.72 -5.57
CA GLY A 38 -1.19 -12.21 -6.76
C GLY A 38 -1.97 -11.07 -7.39
N GLN A 39 -2.71 -10.34 -6.57
CA GLN A 39 -3.50 -9.22 -7.06
C GLN A 39 -3.67 -8.16 -5.97
N LEU A 40 -3.20 -6.94 -6.26
CA LEU A 40 -3.27 -5.86 -5.30
C LEU A 40 -4.73 -5.46 -5.06
N LYS A 41 -5.06 -5.17 -3.80
CA LYS A 41 -6.42 -4.75 -3.45
C LYS A 41 -6.38 -3.74 -2.31
N SER A 42 -5.19 -3.21 -2.03
CA SER A 42 -5.04 -2.22 -0.97
C SER A 42 -4.08 -1.11 -1.39
N LEU A 43 -4.64 0.00 -1.85
CA LEU A 43 -3.82 1.13 -2.29
C LEU A 43 -4.15 2.37 -1.47
N THR A 44 -3.23 2.74 -0.58
CA THR A 44 -3.43 3.94 0.25
C THR A 44 -2.16 4.78 0.24
N ILE A 45 -2.30 6.05 0.61
CA ILE A 45 -1.16 6.96 0.66
C ILE A 45 -1.03 7.58 2.04
N ASN A 46 0.07 7.30 2.72
CA ASN A 46 0.29 7.83 4.05
C ASN A 46 -0.90 7.52 4.96
N GLY A 47 -1.48 6.35 4.77
CA GLY A 47 -2.63 5.93 5.58
C GLY A 47 -3.85 6.80 5.26
N LYS A 48 -4.02 7.12 3.98
CA LYS A 48 -5.14 7.96 3.56
C LYS A 48 -5.66 7.52 2.19
N GLU A 49 -6.72 6.73 2.19
CA GLU A 49 -7.31 6.26 0.94
C GLU A 49 -7.81 7.44 0.11
N GLN A 50 -7.46 7.43 -1.18
CA GLN A 50 -7.88 8.50 -2.08
C GLN A 50 -9.18 8.13 -2.80
N LEU A 51 -10.17 8.99 -2.70
CA LEU A 51 -11.46 8.73 -3.35
C LEU A 51 -12.20 10.04 -3.59
N LEU A 52 -12.16 10.52 -4.83
CA LEU A 52 -12.84 11.76 -5.18
C LEU A 52 -14.34 11.52 -5.34
N ARG A 53 -15.13 12.58 -5.15
CA ARG A 53 -16.57 12.47 -5.26
C ARG A 53 -17.20 13.83 -5.56
N LEU A 54 -16.80 14.83 -4.78
CA LEU A 54 -17.28 16.20 -5.00
C LEU A 54 -16.17 17.21 -4.73
N ASP A 55 -15.34 16.90 -3.74
CA ASP A 55 -14.24 17.79 -3.39
C ASP A 55 -13.03 17.55 -4.29
N ASN A 56 -12.78 18.49 -5.19
CA ASN A 56 -11.65 18.37 -6.11
C ASN A 56 -10.33 18.43 -5.36
N LYS A 57 -10.27 19.29 -4.34
CA LYS A 57 -9.05 19.44 -3.54
C LYS A 57 -7.89 19.91 -4.42
N PHE A 4 14.17 12.15 -0.20
CA PHE A 4 14.22 11.27 -1.40
C PHE A 4 13.21 10.14 -1.23
N LYS A 5 13.00 9.39 -2.31
CA LYS A 5 12.06 8.27 -2.28
C LYS A 5 12.69 7.06 -1.58
N SER A 6 11.88 6.37 -0.77
CA SER A 6 12.36 5.20 -0.07
C SER A 6 11.83 3.93 -0.71
N ILE A 7 12.71 2.94 -0.87
CA ILE A 7 12.32 1.67 -1.47
C ILE A 7 12.15 0.60 -0.40
N SER A 8 10.93 0.45 0.10
CA SER A 8 10.65 -0.55 1.13
C SER A 8 9.52 -1.48 0.67
N ALA A 9 9.62 -2.75 1.05
CA ALA A 9 8.61 -3.72 0.69
C ALA A 9 8.55 -4.86 1.71
N SER A 10 7.39 -5.50 1.82
CA SER A 10 7.22 -6.61 2.76
C SER A 10 6.52 -7.78 2.08
N THR A 11 6.65 -8.96 2.68
CA THR A 11 6.02 -10.15 2.14
C THR A 11 5.43 -11.01 3.25
N LYS A 12 4.47 -11.86 2.90
CA LYS A 12 3.82 -12.72 3.88
C LYS A 12 3.10 -13.87 3.19
N MET A 13 3.72 -15.04 3.19
CA MET A 13 3.12 -16.22 2.57
C MET A 13 2.39 -17.06 3.63
N VAL A 14 1.10 -16.77 3.81
CA VAL A 14 0.31 -17.49 4.81
C VAL A 14 -0.98 -18.03 4.18
N ASN A 15 -1.41 -19.19 4.64
CA ASN A 15 -2.62 -19.81 4.13
C ASN A 15 -2.59 -19.86 2.61
N GLY A 16 -1.40 -20.05 2.05
CA GLY A 16 -1.25 -20.11 0.60
C GLY A 16 -1.57 -18.76 -0.03
N ARG A 17 -1.21 -17.69 0.67
CA ARG A 17 -1.50 -16.34 0.18
C ARG A 17 -0.28 -15.44 0.37
N LYS A 18 0.51 -15.27 -0.69
CA LYS A 18 1.70 -14.45 -0.62
C LYS A 18 1.33 -12.97 -0.71
N ILE A 19 1.19 -12.34 0.46
CA ILE A 19 0.86 -10.91 0.50
C ILE A 19 2.13 -10.08 0.53
N THR A 20 2.26 -9.18 -0.45
CA THR A 20 3.43 -8.31 -0.53
C THR A 20 3.02 -6.84 -0.49
N THR A 21 3.56 -6.11 0.48
CA THR A 21 3.19 -4.71 0.65
C THR A 21 4.30 -3.80 0.12
N LYS A 22 3.92 -2.85 -0.72
CA LYS A 22 4.89 -1.92 -1.30
C LYS A 22 4.94 -0.62 -0.49
N ARG A 23 6.01 -0.43 0.26
CA ARG A 23 6.18 0.78 1.05
C ARG A 23 7.17 1.73 0.38
N ILE A 24 6.66 2.86 -0.09
CA ILE A 24 7.51 3.85 -0.75
C ILE A 24 7.26 5.24 -0.16
N VAL A 25 8.29 5.81 0.46
CA VAL A 25 8.14 7.08 1.17
C VAL A 25 8.70 8.23 0.35
N GLU A 26 7.82 8.98 -0.30
CA GLU A 26 8.24 10.14 -1.06
C GLU A 26 7.74 11.43 -0.42
N ASN A 27 8.67 12.24 0.06
CA ASN A 27 8.31 13.49 0.74
C ASN A 27 7.37 13.20 1.92
N GLY A 28 7.65 12.11 2.63
CA GLY A 28 6.85 11.74 3.78
C GLY A 28 5.51 11.14 3.35
N GLN A 29 5.55 10.28 2.34
CA GLN A 29 4.33 9.64 1.85
C GLN A 29 4.59 8.17 1.57
N GLU A 30 4.31 7.32 2.56
CA GLU A 30 4.48 5.88 2.40
C GLU A 30 3.21 5.25 1.86
N ARG A 31 3.25 4.83 0.60
CA ARG A 31 2.10 4.18 -0.02
C ARG A 31 2.03 2.71 0.40
N VAL A 32 0.82 2.17 0.42
CA VAL A 32 0.62 0.78 0.83
C VAL A 32 -0.11 0.00 -0.25
N GLU A 33 0.50 -1.09 -0.71
CA GLU A 33 -0.10 -1.92 -1.75
C GLU A 33 0.17 -3.40 -1.49
N VAL A 34 -0.81 -4.08 -0.90
CA VAL A 34 -0.65 -5.49 -0.58
C VAL A 34 -0.99 -6.36 -1.79
N GLU A 35 -0.32 -7.49 -1.92
CA GLU A 35 -0.51 -8.36 -3.06
C GLU A 35 -1.53 -9.45 -2.74
N GLU A 36 -2.63 -9.47 -3.47
CA GLU A 36 -3.65 -10.49 -3.27
C GLU A 36 -3.65 -11.48 -4.43
N ASP A 37 -3.20 -12.70 -4.15
CA ASP A 37 -3.12 -13.74 -5.18
C ASP A 37 -2.35 -13.22 -6.40
N GLY A 38 -1.25 -12.51 -6.14
CA GLY A 38 -0.45 -11.95 -7.21
C GLY A 38 -1.15 -10.78 -7.87
N GLN A 39 -2.03 -10.12 -7.12
CA GLN A 39 -2.78 -8.98 -7.65
C GLN A 39 -3.08 -7.98 -6.54
N LEU A 40 -2.59 -6.76 -6.71
CA LEU A 40 -2.78 -5.73 -5.70
C LEU A 40 -4.26 -5.42 -5.52
N LYS A 41 -4.70 -5.27 -4.27
CA LYS A 41 -6.09 -4.98 -3.98
C LYS A 41 -6.20 -3.89 -2.91
N SER A 42 -5.07 -3.23 -2.63
CA SER A 42 -5.06 -2.16 -1.65
C SER A 42 -4.14 -1.02 -2.09
N LEU A 43 -4.53 0.20 -1.76
CA LEU A 43 -3.73 1.37 -2.11
C LEU A 43 -4.04 2.54 -1.19
N THR A 44 -3.18 2.74 -0.19
CA THR A 44 -3.37 3.83 0.76
C THR A 44 -2.10 4.67 0.88
N ILE A 45 -2.24 5.86 1.43
CA ILE A 45 -1.08 6.73 1.63
C ILE A 45 -0.94 7.11 3.10
N ASN A 46 0.19 6.74 3.69
CA ASN A 46 0.43 7.01 5.10
C ASN A 46 -0.67 6.39 5.96
N GLY A 47 -1.27 5.31 5.45
CA GLY A 47 -2.34 4.64 6.18
C GLY A 47 -3.61 5.49 6.19
N LYS A 48 -3.87 6.18 5.07
CA LYS A 48 -5.03 7.05 4.98
C LYS A 48 -5.57 7.07 3.56
N GLU A 49 -6.62 6.30 3.32
CA GLU A 49 -7.24 6.24 2.00
C GLU A 49 -7.79 7.62 1.61
N GLN A 50 -7.84 7.88 0.30
CA GLN A 50 -8.34 9.15 -0.19
C GLN A 50 -9.83 9.05 -0.52
N LEU A 51 -10.62 9.95 0.06
CA LEU A 51 -12.06 9.95 -0.18
C LEU A 51 -12.65 11.33 0.06
N LEU A 52 -12.78 12.11 -1.00
CA LEU A 52 -13.32 13.47 -0.88
C LEU A 52 -14.84 13.45 -1.07
N ARG A 53 -15.45 14.63 -0.99
CA ARG A 53 -16.90 14.74 -1.17
C ARG A 53 -17.26 16.12 -1.68
N LEU A 54 -17.12 16.33 -2.98
CA LEU A 54 -17.40 17.63 -3.58
C LEU A 54 -18.86 18.01 -3.37
N ASP A 55 -19.74 17.01 -3.41
CA ASP A 55 -21.16 17.26 -3.24
C ASP A 55 -21.46 17.80 -1.83
N ASN A 56 -20.75 17.24 -0.85
CA ASN A 56 -20.93 17.68 0.53
C ASN A 56 -19.87 18.69 0.93
N LYS A 57 -19.11 19.16 -0.06
CA LYS A 57 -18.05 20.13 0.20
C LYS A 57 -17.05 19.57 1.20
N PHE A 4 13.49 12.18 0.63
CA PHE A 4 13.90 11.24 -0.44
C PHE A 4 12.97 10.04 -0.45
N LYS A 5 12.87 9.38 -1.61
CA LYS A 5 12.00 8.22 -1.74
C LYS A 5 12.68 6.98 -1.15
N SER A 6 11.97 6.30 -0.26
CA SER A 6 12.50 5.09 0.37
C SER A 6 11.90 3.85 -0.26
N ILE A 7 12.76 2.96 -0.76
CA ILE A 7 12.31 1.73 -1.39
C ILE A 7 12.20 0.60 -0.35
N SER A 8 10.99 0.39 0.16
CA SER A 8 10.77 -0.66 1.14
C SER A 8 9.64 -1.58 0.69
N ALA A 9 9.81 -2.88 0.93
CA ALA A 9 8.79 -3.86 0.55
C ALA A 9 8.85 -5.07 1.47
N SER A 10 7.73 -5.80 1.56
CA SER A 10 7.66 -6.98 2.40
C SER A 10 6.81 -8.05 1.75
N THR A 11 7.02 -9.30 2.15
CA THR A 11 6.26 -10.41 1.61
C THR A 11 5.82 -11.36 2.72
N LYS A 12 4.77 -12.14 2.46
CA LYS A 12 4.26 -13.08 3.44
C LYS A 12 3.35 -14.10 2.78
N MET A 13 3.85 -15.33 2.65
CA MET A 13 3.06 -16.40 2.05
C MET A 13 2.28 -17.17 3.13
N VAL A 14 1.03 -16.78 3.33
CA VAL A 14 0.21 -17.39 4.36
C VAL A 14 -0.87 -18.28 3.75
N ASN A 15 -0.85 -19.55 4.12
CA ASN A 15 -1.86 -20.49 3.63
C ASN A 15 -1.97 -20.41 2.11
N GLY A 16 -0.83 -20.33 1.43
CA GLY A 16 -0.82 -20.22 -0.03
C GLY A 16 -1.30 -18.85 -0.47
N ARG A 17 -1.06 -17.84 0.36
CA ARG A 17 -1.47 -16.48 0.02
C ARG A 17 -0.29 -15.53 0.08
N LYS A 18 0.37 -15.34 -1.06
CA LYS A 18 1.55 -14.48 -1.12
C LYS A 18 1.15 -13.01 -1.02
N ILE A 19 1.27 -12.45 0.17
CA ILE A 19 0.95 -11.04 0.38
C ILE A 19 2.21 -10.20 0.39
N THR A 20 2.27 -9.22 -0.52
CA THR A 20 3.44 -8.34 -0.61
C THR A 20 3.03 -6.89 -0.42
N THR A 21 3.70 -6.20 0.51
CA THR A 21 3.37 -4.81 0.80
C THR A 21 4.48 -3.89 0.30
N LYS A 22 4.10 -2.91 -0.51
CA LYS A 22 5.07 -1.96 -1.06
C LYS A 22 5.03 -0.65 -0.29
N ARG A 23 6.10 -0.37 0.44
CA ARG A 23 6.19 0.89 1.19
C ARG A 23 7.15 1.85 0.51
N ILE A 24 6.63 3.00 0.11
CA ILE A 24 7.46 4.01 -0.55
C ILE A 24 7.28 5.37 0.10
N VAL A 25 8.29 5.82 0.83
CA VAL A 25 8.18 7.05 1.61
C VAL A 25 8.86 8.21 0.89
N GLU A 26 8.07 9.09 0.30
CA GLU A 26 8.61 10.26 -0.38
C GLU A 26 7.87 11.52 0.05
N ASN A 27 8.61 12.49 0.55
CA ASN A 27 8.00 13.74 1.04
C ASN A 27 6.95 13.44 2.10
N GLY A 28 7.23 12.45 2.93
CA GLY A 28 6.29 12.10 4.01
C GLY A 28 5.05 11.43 3.45
N GLN A 29 5.23 10.55 2.46
CA GLN A 29 4.11 9.86 1.85
C GLN A 29 4.46 8.40 1.59
N GLU A 30 4.03 7.52 2.50
CA GLU A 30 4.28 6.09 2.34
C GLU A 30 3.16 5.43 1.56
N ARG A 31 3.49 4.93 0.36
CA ARG A 31 2.50 4.25 -0.46
C ARG A 31 2.29 2.81 0.04
N VAL A 32 1.09 2.30 -0.17
CA VAL A 32 0.76 0.95 0.28
C VAL A 32 0.23 0.11 -0.87
N GLU A 33 0.78 -1.10 -1.02
CA GLU A 33 0.32 -2.01 -2.06
C GLU A 33 0.37 -3.46 -1.57
N VAL A 34 -0.74 -3.93 -1.00
CA VAL A 34 -0.81 -5.29 -0.47
C VAL A 34 -1.32 -6.24 -1.54
N GLU A 35 -0.63 -7.37 -1.69
CA GLU A 35 -1.00 -8.35 -2.71
C GLU A 35 -1.99 -9.36 -2.14
N GLU A 36 -3.15 -9.48 -2.78
CA GLU A 36 -4.17 -10.43 -2.33
C GLU A 36 -4.24 -11.61 -3.29
N ASP A 37 -3.77 -12.77 -2.81
CA ASP A 37 -3.77 -13.97 -3.64
C ASP A 37 -3.15 -13.70 -5.00
N GLY A 38 -2.01 -13.02 -4.99
CA GLY A 38 -1.32 -12.68 -6.24
C GLY A 38 -2.10 -11.63 -7.02
N GLN A 39 -2.82 -10.78 -6.30
CA GLN A 39 -3.63 -9.74 -6.94
C GLN A 39 -3.71 -8.51 -6.04
N LEU A 40 -3.12 -7.41 -6.50
CA LEU A 40 -3.12 -6.17 -5.72
C LEU A 40 -4.54 -5.63 -5.57
N LYS A 41 -4.92 -5.36 -4.32
CA LYS A 41 -6.26 -4.85 -4.04
C LYS A 41 -6.21 -3.82 -2.93
N SER A 42 -5.03 -3.26 -2.70
CA SER A 42 -4.87 -2.24 -1.66
C SER A 42 -3.95 -1.13 -2.14
N LEU A 43 -4.40 0.11 -2.01
CA LEU A 43 -3.59 1.26 -2.44
C LEU A 43 -3.87 2.46 -1.54
N THR A 44 -2.88 2.81 -0.73
CA THR A 44 -3.01 3.97 0.16
C THR A 44 -1.72 4.78 0.17
N ILE A 45 -1.79 5.98 0.74
CA ILE A 45 -0.62 6.85 0.82
C ILE A 45 -0.62 7.64 2.13
N ASN A 46 0.49 7.56 2.87
CA ASN A 46 0.60 8.26 4.13
C ASN A 46 -0.58 7.92 5.04
N GLY A 47 -1.11 6.71 4.89
CA GLY A 47 -2.24 6.28 5.71
C GLY A 47 -3.49 7.09 5.37
N LYS A 48 -3.62 7.49 4.12
CA LYS A 48 -4.76 8.27 3.69
C LYS A 48 -5.28 7.78 2.34
N GLU A 49 -6.26 6.89 2.37
CA GLU A 49 -6.84 6.34 1.15
C GLU A 49 -7.48 7.46 0.32
N GLN A 50 -7.18 7.48 -0.97
CA GLN A 50 -7.74 8.49 -1.86
C GLN A 50 -9.00 7.98 -2.55
N LEU A 51 -10.08 8.74 -2.42
CA LEU A 51 -11.35 8.35 -3.03
C LEU A 51 -12.23 9.57 -3.25
N LEU A 52 -12.21 10.10 -4.47
CA LEU A 52 -13.01 11.27 -4.79
C LEU A 52 -13.40 11.25 -6.27
N ARG A 53 -14.65 11.64 -6.56
CA ARG A 53 -15.13 11.66 -7.93
C ARG A 53 -16.31 12.63 -8.06
N LEU A 54 -17.26 12.52 -7.15
CA LEU A 54 -18.42 13.40 -7.15
C LEU A 54 -19.02 13.51 -5.75
N ASP A 55 -19.05 12.39 -5.04
CA ASP A 55 -19.59 12.37 -3.68
C ASP A 55 -18.79 11.43 -2.80
N ASN A 56 -18.00 12.00 -1.89
CA ASN A 56 -17.18 11.19 -0.99
C ASN A 56 -17.97 10.86 0.28
N LYS A 57 -18.40 9.61 0.39
CA LYS A 57 -19.15 9.18 1.56
C LYS A 57 -20.41 10.01 1.72
N PHE A 4 14.22 12.25 -0.80
CA PHE A 4 14.80 10.92 -1.09
C PHE A 4 13.70 9.87 -1.04
N LYS A 5 13.55 9.11 -2.13
CA LYS A 5 12.53 8.07 -2.19
C LYS A 5 12.98 6.83 -1.44
N SER A 6 12.06 6.25 -0.66
CA SER A 6 12.36 5.04 0.10
C SER A 6 11.73 3.82 -0.54
N ILE A 7 12.54 2.80 -0.81
CA ILE A 7 12.04 1.58 -1.41
C ILE A 7 12.03 0.44 -0.39
N SER A 8 10.88 0.24 0.23
CA SER A 8 10.74 -0.82 1.23
C SER A 8 9.54 -1.70 0.90
N ALA A 9 9.66 -3.00 1.17
CA ALA A 9 8.58 -3.94 0.92
C ALA A 9 8.69 -5.15 1.82
N SER A 10 7.57 -5.82 2.08
CA SER A 10 7.55 -7.00 2.93
C SER A 10 6.60 -8.05 2.38
N THR A 11 7.10 -9.25 2.14
CA THR A 11 6.28 -10.33 1.61
C THR A 11 5.70 -11.17 2.74
N LYS A 12 4.70 -11.98 2.42
CA LYS A 12 4.06 -12.83 3.42
C LYS A 12 3.28 -13.96 2.75
N MET A 13 3.81 -15.18 2.86
CA MET A 13 3.15 -16.34 2.29
C MET A 13 2.24 -17.00 3.33
N VAL A 14 0.97 -16.59 3.34
CA VAL A 14 0.03 -17.11 4.32
C VAL A 14 -1.01 -18.00 3.65
N ASN A 15 -1.05 -19.27 4.06
CA ASN A 15 -2.03 -20.20 3.53
C ASN A 15 -2.04 -20.16 2.01
N GLY A 16 -0.86 -20.05 1.41
CA GLY A 16 -0.75 -19.99 -0.04
C GLY A 16 -1.25 -18.66 -0.58
N ARG A 17 -1.08 -17.60 0.21
CA ARG A 17 -1.51 -16.28 -0.19
C ARG A 17 -0.35 -15.30 -0.13
N LYS A 18 0.31 -15.09 -1.27
CA LYS A 18 1.47 -14.21 -1.31
C LYS A 18 1.05 -12.75 -1.13
N ILE A 19 1.08 -12.28 0.11
CA ILE A 19 0.73 -10.90 0.41
C ILE A 19 1.99 -10.07 0.62
N THR A 20 2.18 -9.05 -0.22
CA THR A 20 3.35 -8.20 -0.12
C THR A 20 2.95 -6.73 -0.07
N THR A 21 3.47 -6.02 0.93
CA THR A 21 3.14 -4.61 1.10
C THR A 21 4.32 -3.73 0.70
N LYS A 22 4.11 -2.88 -0.30
CA LYS A 22 5.18 -2.01 -0.79
C LYS A 22 5.09 -0.62 -0.15
N ARG A 23 6.04 -0.32 0.72
CA ARG A 23 6.08 1.00 1.36
C ARG A 23 7.03 1.93 0.62
N ILE A 24 6.51 3.07 0.17
CA ILE A 24 7.33 4.04 -0.55
C ILE A 24 7.17 5.43 0.06
N VAL A 25 8.21 5.87 0.76
CA VAL A 25 8.14 7.13 1.50
C VAL A 25 8.91 8.22 0.77
N GLU A 26 8.17 9.14 0.13
CA GLU A 26 8.79 10.25 -0.56
C GLU A 26 7.94 11.52 -0.40
N ASN A 27 8.60 12.61 -0.02
CA ASN A 27 7.90 13.87 0.20
C ASN A 27 6.79 13.69 1.24
N GLY A 28 7.04 12.81 2.20
CA GLY A 28 6.06 12.57 3.27
C GLY A 28 4.83 11.84 2.73
N GLN A 29 5.07 10.85 1.86
CA GLN A 29 3.98 10.09 1.28
C GLN A 29 4.35 8.62 1.18
N GLU A 30 3.90 7.84 2.16
CA GLU A 30 4.15 6.40 2.16
C GLU A 30 3.03 5.67 1.42
N ARG A 31 3.35 5.18 0.21
CA ARG A 31 2.37 4.45 -0.58
C ARG A 31 2.27 3.00 -0.11
N VAL A 32 1.06 2.45 -0.11
CA VAL A 32 0.85 1.09 0.33
C VAL A 32 0.29 0.22 -0.79
N GLU A 33 0.88 -0.95 -0.99
CA GLU A 33 0.43 -1.85 -2.03
C GLU A 33 0.46 -3.30 -1.53
N VAL A 34 -0.66 -3.75 -0.98
CA VAL A 34 -0.75 -5.11 -0.46
C VAL A 34 -1.23 -6.07 -1.54
N GLU A 35 -0.55 -7.20 -1.65
CA GLU A 35 -0.88 -8.18 -2.69
C GLU A 35 -1.96 -9.14 -2.18
N GLU A 36 -3.05 -9.25 -2.94
CA GLU A 36 -4.14 -10.15 -2.56
C GLU A 36 -4.15 -11.38 -3.46
N ASP A 37 -3.72 -12.51 -2.90
CA ASP A 37 -3.67 -13.75 -3.65
C ASP A 37 -2.95 -13.55 -4.98
N GLY A 38 -1.79 -12.89 -4.93
CA GLY A 38 -1.01 -12.62 -6.13
C GLY A 38 -1.71 -11.58 -7.01
N GLN A 39 -2.46 -10.68 -6.37
CA GLN A 39 -3.17 -9.65 -7.10
C GLN A 39 -3.32 -8.39 -6.24
N LEU A 40 -2.67 -7.31 -6.67
CA LEU A 40 -2.71 -6.06 -5.92
C LEU A 40 -4.12 -5.50 -5.90
N LYS A 41 -4.61 -5.17 -4.70
CA LYS A 41 -5.94 -4.63 -4.55
C LYS A 41 -5.99 -3.63 -3.40
N SER A 42 -4.82 -3.15 -2.99
CA SER A 42 -4.74 -2.20 -1.88
C SER A 42 -3.87 -1.01 -2.27
N LEU A 43 -4.35 0.19 -1.96
CA LEU A 43 -3.59 1.40 -2.26
C LEU A 43 -3.94 2.51 -1.26
N THR A 44 -3.07 2.68 -0.26
CA THR A 44 -3.30 3.71 0.75
C THR A 44 -2.04 4.55 0.93
N ILE A 45 -2.20 5.72 1.54
CA ILE A 45 -1.07 6.61 1.80
C ILE A 45 -0.85 6.78 3.29
N ASN A 46 0.23 6.19 3.80
CA ASN A 46 0.53 6.26 5.22
C ASN A 46 -0.66 5.78 6.05
N GLY A 47 -1.34 4.75 5.56
CA GLY A 47 -2.49 4.21 6.26
C GLY A 47 -3.67 5.18 6.20
N LYS A 48 -3.84 5.83 5.05
CA LYS A 48 -4.92 6.81 4.89
C LYS A 48 -5.45 6.77 3.47
N GLU A 49 -6.55 6.05 3.28
CA GLU A 49 -7.18 5.96 1.96
C GLU A 49 -7.62 7.34 1.48
N GLN A 50 -7.30 7.65 0.23
CA GLN A 50 -7.66 8.93 -0.34
C GLN A 50 -8.94 8.80 -1.17
N LEU A 51 -9.80 9.82 -1.10
CA LEU A 51 -11.05 9.81 -1.85
C LEU A 51 -11.50 11.23 -2.17
N LEU A 52 -11.76 12.00 -1.12
CA LEU A 52 -12.20 13.38 -1.29
C LEU A 52 -11.83 14.22 -0.07
N ARG A 53 -12.42 13.88 1.07
CA ARG A 53 -12.14 14.61 2.31
C ARG A 53 -12.59 13.79 3.52
N LEU A 54 -13.87 13.41 3.52
CA LEU A 54 -14.39 12.58 4.60
C LEU A 54 -15.63 11.81 4.14
N ASP A 55 -16.49 12.48 3.39
CA ASP A 55 -17.71 11.86 2.89
C ASP A 55 -18.05 12.37 1.49
N ASN A 56 -17.89 11.51 0.49
CA ASN A 56 -18.18 11.89 -0.89
C ASN A 56 -19.65 11.63 -1.21
N LYS A 57 -20.44 12.68 -1.30
CA LYS A 57 -21.86 12.55 -1.61
C LYS A 57 -22.52 11.58 -0.64
N PHE A 4 14.47 11.90 -2.55
CA PHE A 4 14.89 10.49 -2.35
C PHE A 4 13.81 9.74 -1.58
N LYS A 5 13.01 8.96 -2.30
CA LYS A 5 11.94 8.19 -1.68
C LYS A 5 12.51 6.96 -0.98
N SER A 6 11.72 6.39 -0.07
CA SER A 6 12.15 5.20 0.67
C SER A 6 11.64 3.94 -0.02
N ILE A 7 12.57 3.16 -0.58
CA ILE A 7 12.20 1.93 -1.26
C ILE A 7 12.20 0.76 -0.28
N SER A 8 11.02 0.39 0.19
CA SER A 8 10.89 -0.74 1.10
C SER A 8 9.69 -1.61 0.73
N ALA A 9 9.83 -2.91 0.92
CA ALA A 9 8.75 -3.84 0.61
C ALA A 9 8.83 -5.08 1.50
N SER A 10 7.67 -5.68 1.78
CA SER A 10 7.62 -6.88 2.60
C SER A 10 6.73 -7.93 1.96
N THR A 11 7.04 -9.20 2.22
CA THR A 11 6.26 -10.29 1.67
C THR A 11 5.90 -11.31 2.76
N LYS A 12 4.77 -11.98 2.59
CA LYS A 12 4.32 -12.97 3.55
C LYS A 12 3.29 -13.91 2.93
N MET A 13 3.67 -15.17 2.79
CA MET A 13 2.76 -16.18 2.23
C MET A 13 1.96 -16.85 3.32
N VAL A 14 0.71 -16.43 3.48
CA VAL A 14 -0.15 -16.97 4.52
C VAL A 14 -1.29 -17.78 3.93
N ASN A 15 -1.41 -19.03 4.34
CA ASN A 15 -2.48 -19.90 3.86
C ASN A 15 -2.53 -19.89 2.33
N GLY A 16 -1.35 -19.90 1.71
CA GLY A 16 -1.27 -19.90 0.25
C GLY A 16 -1.69 -18.55 -0.31
N ARG A 17 -1.40 -17.49 0.44
CA ARG A 17 -1.74 -16.14 -0.01
C ARG A 17 -0.54 -15.21 0.10
N LYS A 18 0.20 -15.07 -1.00
CA LYS A 18 1.40 -14.24 -0.99
C LYS A 18 1.03 -12.76 -0.90
N ILE A 19 1.13 -12.21 0.30
CA ILE A 19 0.83 -10.79 0.51
C ILE A 19 2.12 -9.97 0.56
N THR A 20 2.23 -9.00 -0.33
CA THR A 20 3.41 -8.14 -0.38
C THR A 20 3.01 -6.66 -0.31
N THR A 21 3.60 -5.95 0.64
CA THR A 21 3.28 -4.54 0.82
C THR A 21 4.46 -3.67 0.43
N LYS A 22 4.22 -2.71 -0.47
CA LYS A 22 5.27 -1.82 -0.93
C LYS A 22 5.19 -0.47 -0.23
N ARG A 23 6.20 -0.15 0.56
CA ARG A 23 6.25 1.13 1.25
C ARG A 23 7.14 2.12 0.49
N ILE A 24 6.56 3.23 0.08
CA ILE A 24 7.31 4.25 -0.65
C ILE A 24 7.07 5.62 -0.03
N VAL A 25 8.08 6.14 0.65
CA VAL A 25 7.94 7.39 1.39
C VAL A 25 8.60 8.55 0.63
N GLU A 26 7.77 9.35 -0.03
CA GLU A 26 8.28 10.52 -0.76
C GLU A 26 7.56 11.79 -0.33
N ASN A 27 8.32 12.76 0.14
CA ASN A 27 7.74 14.01 0.62
C ASN A 27 6.71 13.75 1.71
N GLY A 28 7.01 12.77 2.57
CA GLY A 28 6.10 12.43 3.66
C GLY A 28 4.85 11.73 3.15
N GLN A 29 5.03 10.82 2.19
CA GLN A 29 3.91 10.10 1.62
C GLN A 29 4.27 8.63 1.40
N GLU A 30 3.85 7.78 2.33
CA GLU A 30 4.11 6.35 2.22
C GLU A 30 2.97 5.66 1.45
N ARG A 31 3.30 5.15 0.26
CA ARG A 31 2.30 4.45 -0.55
C ARG A 31 2.16 3.00 -0.09
N VAL A 32 0.95 2.47 -0.18
CA VAL A 32 0.70 1.10 0.25
C VAL A 32 0.25 0.25 -0.93
N GLU A 33 0.91 -0.88 -1.13
CA GLU A 33 0.55 -1.79 -2.21
C GLU A 33 0.55 -3.23 -1.72
N VAL A 34 -0.58 -3.66 -1.16
CA VAL A 34 -0.69 -5.01 -0.61
C VAL A 34 -1.16 -5.99 -1.68
N GLU A 35 -0.55 -7.16 -1.72
CA GLU A 35 -0.90 -8.18 -2.70
C GLU A 35 -1.97 -9.11 -2.13
N GLU A 36 -3.08 -9.25 -2.86
CA GLU A 36 -4.17 -10.11 -2.42
C GLU A 36 -4.21 -11.39 -3.25
N ASP A 37 -3.76 -12.50 -2.66
CA ASP A 37 -3.75 -13.77 -3.37
C ASP A 37 -3.06 -13.63 -4.72
N GLY A 38 -1.88 -13.02 -4.71
CA GLY A 38 -1.14 -12.82 -5.95
C GLY A 38 -1.82 -11.78 -6.84
N GLN A 39 -2.50 -10.82 -6.22
CA GLN A 39 -3.20 -9.78 -6.96
C GLN A 39 -3.16 -8.46 -6.20
N LEU A 40 -2.25 -7.58 -6.59
CA LEU A 40 -2.10 -6.30 -5.92
C LEU A 40 -3.20 -5.33 -6.37
N LYS A 41 -4.04 -4.92 -5.42
CA LYS A 41 -5.12 -3.99 -5.72
C LYS A 41 -5.47 -3.17 -4.49
N SER A 42 -4.48 -2.95 -3.62
CA SER A 42 -4.71 -2.18 -2.40
C SER A 42 -3.80 -0.95 -2.38
N LEU A 43 -4.40 0.22 -2.52
CA LEU A 43 -3.64 1.47 -2.51
C LEU A 43 -4.02 2.31 -1.30
N THR A 44 -3.05 2.59 -0.44
CA THR A 44 -3.30 3.40 0.75
C THR A 44 -2.13 4.36 0.99
N ILE A 45 -2.27 5.20 2.01
CA ILE A 45 -1.22 6.16 2.34
C ILE A 45 -0.88 6.10 3.83
N ASN A 46 0.37 5.76 4.13
CA ASN A 46 0.80 5.67 5.51
C ASN A 46 -0.10 4.70 6.30
N GLY A 47 -0.66 3.73 5.59
CA GLY A 47 -1.54 2.76 6.22
C GLY A 47 -2.85 3.41 6.66
N LYS A 48 -3.28 4.42 5.91
CA LYS A 48 -4.51 5.14 6.24
C LYS A 48 -5.27 5.50 4.97
N GLU A 49 -6.25 4.68 4.63
CA GLU A 49 -7.06 4.92 3.44
C GLU A 49 -7.81 6.25 3.57
N GLN A 50 -7.76 7.06 2.52
CA GLN A 50 -8.44 8.36 2.53
C GLN A 50 -9.83 8.23 1.90
N LEU A 51 -10.85 8.67 2.64
CA LEU A 51 -12.21 8.60 2.15
C LEU A 51 -13.08 9.63 2.86
N LEU A 52 -13.28 10.79 2.21
CA LEU A 52 -14.10 11.85 2.80
C LEU A 52 -15.58 11.52 2.64
N ARG A 53 -16.34 11.73 3.71
CA ARG A 53 -17.77 11.44 3.69
C ARG A 53 -18.50 12.26 4.75
N LEU A 54 -17.94 12.26 5.96
CA LEU A 54 -18.54 13.04 7.05
C LEU A 54 -17.47 13.40 8.08
N ASP A 55 -16.57 12.46 8.34
CA ASP A 55 -15.50 12.69 9.31
C ASP A 55 -14.49 13.69 8.76
N ASN A 56 -13.90 14.48 9.65
CA ASN A 56 -12.91 15.48 9.26
C ASN A 56 -11.96 15.78 10.41
N LYS A 57 -10.98 16.63 10.14
CA LYS A 57 -10.01 17.01 11.17
C LYS A 57 -9.37 15.77 11.78
N PHE A 4 14.43 12.58 -0.25
CA PHE A 4 14.97 11.20 -0.36
C PHE A 4 13.81 10.21 -0.33
N LYS A 5 13.68 9.42 -1.38
CA LYS A 5 12.61 8.43 -1.46
C LYS A 5 12.96 7.20 -0.62
N SER A 6 11.94 6.62 0.01
CA SER A 6 12.14 5.44 0.85
C SER A 6 11.74 4.17 0.11
N ILE A 7 12.63 3.20 0.09
CA ILE A 7 12.36 1.93 -0.57
C ILE A 7 12.17 0.83 0.47
N SER A 8 10.92 0.53 0.79
CA SER A 8 10.62 -0.51 1.78
C SER A 8 9.49 -1.40 1.28
N ALA A 9 9.63 -2.70 1.48
CA ALA A 9 8.60 -3.66 1.07
C ALA A 9 8.67 -4.92 1.92
N SER A 10 7.54 -5.63 2.01
CA SER A 10 7.49 -6.87 2.78
C SER A 10 6.58 -7.88 2.09
N THR A 11 6.95 -9.15 2.20
CA THR A 11 6.17 -10.22 1.58
C THR A 11 5.65 -11.19 2.63
N LYS A 12 4.55 -11.86 2.31
CA LYS A 12 3.95 -12.81 3.25
C LYS A 12 3.23 -13.92 2.50
N MET A 13 3.92 -15.04 2.29
CA MET A 13 3.32 -16.18 1.61
C MET A 13 2.78 -17.18 2.62
N VAL A 14 1.57 -16.94 3.10
CA VAL A 14 0.97 -17.80 4.12
C VAL A 14 -0.42 -18.25 3.69
N ASN A 15 -0.79 -19.47 4.09
CA ASN A 15 -2.10 -20.01 3.74
C ASN A 15 -2.35 -19.90 2.24
N GLY A 16 -1.28 -20.01 1.46
CA GLY A 16 -1.39 -19.92 0.01
C GLY A 16 -1.81 -18.52 -0.41
N ARG A 17 -1.32 -17.51 0.32
CA ARG A 17 -1.68 -16.13 0.03
C ARG A 17 -0.45 -15.23 0.09
N LYS A 18 0.15 -14.97 -1.06
CA LYS A 18 1.34 -14.13 -1.12
C LYS A 18 0.97 -12.66 -0.98
N ILE A 19 0.96 -12.17 0.26
CA ILE A 19 0.63 -10.78 0.51
C ILE A 19 1.91 -9.94 0.62
N THR A 20 2.06 -8.97 -0.27
CA THR A 20 3.25 -8.11 -0.27
C THR A 20 2.85 -6.65 -0.19
N THR A 21 3.45 -5.94 0.77
CA THR A 21 3.13 -4.53 0.96
C THR A 21 4.33 -3.66 0.59
N LYS A 22 4.09 -2.68 -0.29
CA LYS A 22 5.16 -1.81 -0.76
C LYS A 22 5.04 -0.43 -0.13
N ARG A 23 5.98 -0.10 0.75
CA ARG A 23 6.00 1.22 1.38
C ARG A 23 7.03 2.12 0.69
N ILE A 24 6.55 3.15 0.03
CA ILE A 24 7.44 4.08 -0.68
C ILE A 24 7.13 5.52 -0.29
N VAL A 25 8.09 6.17 0.36
CA VAL A 25 7.87 7.52 0.88
C VAL A 25 8.53 8.55 0.00
N GLU A 26 7.74 9.17 -0.88
CA GLU A 26 8.27 10.22 -1.76
C GLU A 26 7.87 11.60 -1.25
N ASN A 27 8.86 12.33 -0.75
CA ASN A 27 8.60 13.66 -0.20
C ASN A 27 7.54 13.59 0.89
N GLY A 28 7.58 12.53 1.69
CA GLY A 28 6.62 12.36 2.78
C GLY A 28 5.31 11.78 2.26
N GLN A 29 5.41 10.82 1.36
CA GLN A 29 4.23 10.18 0.79
C GLN A 29 4.42 8.67 0.72
N GLU A 30 4.02 7.97 1.77
CA GLU A 30 4.14 6.52 1.80
C GLU A 30 2.92 5.87 1.15
N ARG A 31 3.16 5.19 0.03
CA ARG A 31 2.07 4.49 -0.67
C ARG A 31 1.97 3.05 -0.18
N VAL A 32 0.76 2.51 -0.18
CA VAL A 32 0.53 1.14 0.28
C VAL A 32 0.04 0.26 -0.86
N GLU A 33 0.72 -0.85 -1.08
CA GLU A 33 0.33 -1.79 -2.13
C GLU A 33 0.34 -3.23 -1.60
N VAL A 34 -0.78 -3.65 -1.03
CA VAL A 34 -0.87 -5.00 -0.47
C VAL A 34 -1.38 -5.98 -1.53
N GLU A 35 -0.71 -7.12 -1.64
CA GLU A 35 -1.08 -8.12 -2.63
C GLU A 35 -2.15 -9.06 -2.07
N GLU A 36 -3.25 -9.20 -2.79
CA GLU A 36 -4.34 -10.06 -2.35
C GLU A 36 -4.39 -11.34 -3.20
N ASP A 37 -3.98 -12.46 -2.59
CA ASP A 37 -3.97 -13.72 -3.29
C ASP A 37 -3.19 -13.60 -4.61
N GLY A 38 -2.04 -12.96 -4.55
CA GLY A 38 -1.21 -12.78 -5.74
C GLY A 38 -1.85 -11.77 -6.70
N GLN A 39 -2.59 -10.82 -6.14
CA GLN A 39 -3.24 -9.81 -6.96
C GLN A 39 -3.30 -8.48 -6.20
N LEU A 40 -2.50 -7.52 -6.65
CA LEU A 40 -2.45 -6.22 -6.00
C LEU A 40 -3.74 -5.45 -6.22
N LYS A 41 -4.44 -5.13 -5.14
CA LYS A 41 -5.69 -4.39 -5.23
C LYS A 41 -5.88 -3.50 -4.01
N SER A 42 -4.78 -3.13 -3.38
CA SER A 42 -4.84 -2.30 -2.18
C SER A 42 -4.02 -1.03 -2.37
N LEU A 43 -4.64 0.12 -2.13
CA LEU A 43 -3.95 1.39 -2.27
C LEU A 43 -4.26 2.31 -1.09
N THR A 44 -3.25 2.58 -0.27
CA THR A 44 -3.43 3.44 0.89
C THR A 44 -2.24 4.37 1.06
N ILE A 45 -2.30 5.22 2.08
CA ILE A 45 -1.21 6.16 2.35
C ILE A 45 -0.68 5.99 3.76
N ASN A 46 0.51 5.41 3.88
CA ASN A 46 1.12 5.19 5.18
C ASN A 46 0.14 4.47 6.12
N GLY A 47 -0.64 3.55 5.56
CA GLY A 47 -1.61 2.81 6.35
C GLY A 47 -2.76 3.71 6.80
N LYS A 48 -3.05 4.72 6.00
CA LYS A 48 -4.13 5.65 6.32
C LYS A 48 -4.94 5.98 5.08
N GLU A 49 -6.02 5.23 4.87
CA GLU A 49 -6.88 5.45 3.71
C GLU A 49 -7.53 6.82 3.80
N GLN A 50 -7.50 7.55 2.67
CA GLN A 50 -8.10 8.88 2.63
C GLN A 50 -9.03 9.01 1.43
N LEU A 51 -10.08 9.81 1.58
CA LEU A 51 -11.04 10.02 0.51
C LEU A 51 -11.70 11.39 0.63
N LEU A 52 -12.40 11.61 1.73
CA LEU A 52 -13.08 12.87 1.96
C LEU A 52 -13.18 13.18 3.45
N ARG A 53 -12.72 14.37 3.85
CA ARG A 53 -12.77 14.77 5.24
C ARG A 53 -12.68 16.29 5.37
N LEU A 54 -13.72 16.97 4.92
CA LEU A 54 -13.74 18.43 4.95
C LEU A 54 -13.55 18.93 6.38
N ASP A 55 -14.08 18.17 7.34
CA ASP A 55 -13.99 18.56 8.75
C ASP A 55 -12.55 18.40 9.25
N ASN A 56 -12.17 19.24 10.20
CA ASN A 56 -10.82 19.18 10.76
C ASN A 56 -10.60 17.86 11.50
N LYS A 57 -11.63 17.41 12.21
CA LYS A 57 -11.53 16.15 12.95
C LYS A 57 -10.34 16.18 13.90
N PHE A 4 13.04 12.40 1.17
CA PHE A 4 13.71 11.61 0.11
C PHE A 4 12.86 10.39 -0.23
N LYS A 5 13.21 9.72 -1.33
CA LYS A 5 12.46 8.54 -1.75
C LYS A 5 12.90 7.32 -0.95
N SER A 6 11.92 6.53 -0.50
CA SER A 6 12.23 5.32 0.27
C SER A 6 11.75 4.09 -0.48
N ILE A 7 12.59 3.07 -0.53
CA ILE A 7 12.24 1.82 -1.20
C ILE A 7 12.16 0.67 -0.18
N SER A 8 10.97 0.44 0.34
CA SER A 8 10.76 -0.64 1.31
C SER A 8 9.60 -1.52 0.88
N ALA A 9 9.72 -2.82 1.15
CA ALA A 9 8.67 -3.76 0.80
C ALA A 9 8.71 -4.98 1.71
N SER A 10 7.56 -5.62 1.90
CA SER A 10 7.49 -6.81 2.74
C SER A 10 6.63 -7.88 2.08
N THR A 11 6.88 -9.13 2.42
CA THR A 11 6.13 -10.24 1.86
C THR A 11 5.58 -11.14 2.96
N LYS A 12 4.45 -11.78 2.70
CA LYS A 12 3.82 -12.66 3.70
C LYS A 12 3.01 -13.75 3.01
N MET A 13 3.61 -14.93 2.88
CA MET A 13 2.91 -16.06 2.27
C MET A 13 2.13 -16.84 3.33
N VAL A 14 0.85 -16.50 3.47
CA VAL A 14 0.01 -17.13 4.49
C VAL A 14 -1.12 -17.93 3.85
N ASN A 15 -1.22 -19.20 4.22
CA ASN A 15 -2.29 -20.06 3.70
C ASN A 15 -2.32 -19.99 2.17
N GLY A 16 -1.15 -19.96 1.56
CA GLY A 16 -1.07 -19.92 0.10
C GLY A 16 -1.53 -18.56 -0.43
N ARG A 17 -1.28 -17.52 0.35
CA ARG A 17 -1.66 -16.16 -0.05
C ARG A 17 -0.48 -15.21 0.09
N LYS A 18 0.26 -15.01 -1.00
CA LYS A 18 1.44 -14.16 -0.97
C LYS A 18 1.03 -12.69 -0.86
N ILE A 19 1.09 -12.15 0.36
CA ILE A 19 0.76 -10.75 0.59
C ILE A 19 2.03 -9.91 0.63
N THR A 20 2.14 -8.96 -0.31
CA THR A 20 3.32 -8.11 -0.37
C THR A 20 2.92 -6.64 -0.32
N THR A 21 3.50 -5.90 0.62
CA THR A 21 3.19 -4.49 0.77
C THR A 21 4.38 -3.63 0.38
N LYS A 22 4.16 -2.68 -0.52
CA LYS A 22 5.23 -1.82 -0.99
C LYS A 22 5.15 -0.45 -0.33
N ARG A 23 6.12 -0.14 0.52
CA ARG A 23 6.17 1.16 1.18
C ARG A 23 7.13 2.09 0.45
N ILE A 24 6.60 3.17 -0.11
CA ILE A 24 7.42 4.13 -0.84
C ILE A 24 7.15 5.55 -0.34
N VAL A 25 8.16 6.15 0.26
CA VAL A 25 7.98 7.46 0.89
C VAL A 25 8.59 8.56 0.03
N GLU A 26 7.73 9.25 -0.73
CA GLU A 26 8.19 10.35 -1.57
C GLU A 26 7.81 11.69 -0.95
N ASN A 27 8.81 12.41 -0.44
CA ASN A 27 8.56 13.70 0.20
C ASN A 27 7.56 13.54 1.34
N GLY A 28 7.68 12.43 2.08
CA GLY A 28 6.78 12.18 3.20
C GLY A 28 5.44 11.62 2.71
N GLN A 29 5.51 10.72 1.75
CA GLN A 29 4.30 10.11 1.21
C GLN A 29 4.48 8.60 1.02
N GLU A 30 4.12 7.83 2.03
CA GLU A 30 4.25 6.38 1.96
C GLU A 30 3.04 5.77 1.27
N ARG A 31 3.27 5.13 0.13
CA ARG A 31 2.20 4.46 -0.60
C ARG A 31 2.08 3.01 -0.16
N VAL A 32 0.86 2.47 -0.21
CA VAL A 32 0.62 1.10 0.21
C VAL A 32 0.14 0.26 -0.96
N GLU A 33 0.79 -0.87 -1.18
CA GLU A 33 0.39 -1.77 -2.25
C GLU A 33 0.42 -3.22 -1.77
N VAL A 34 -0.69 -3.66 -1.19
CA VAL A 34 -0.77 -5.01 -0.64
C VAL A 34 -1.24 -5.99 -1.70
N GLU A 35 -0.62 -7.17 -1.72
CA GLU A 35 -0.97 -8.19 -2.70
C GLU A 35 -2.03 -9.13 -2.13
N GLU A 36 -3.14 -9.28 -2.84
CA GLU A 36 -4.22 -10.15 -2.39
C GLU A 36 -4.25 -11.43 -3.22
N ASP A 37 -3.80 -12.52 -2.62
CA ASP A 37 -3.77 -13.80 -3.32
C ASP A 37 -3.11 -13.67 -4.68
N GLY A 38 -1.94 -13.02 -4.70
CA GLY A 38 -1.22 -12.81 -5.94
C GLY A 38 -1.93 -11.80 -6.82
N GLN A 39 -2.62 -10.85 -6.19
CA GLN A 39 -3.34 -9.82 -6.93
C GLN A 39 -3.32 -8.50 -6.17
N LEU A 40 -2.43 -7.59 -6.59
CA LEU A 40 -2.31 -6.30 -5.92
C LEU A 40 -3.46 -5.38 -6.30
N LYS A 41 -4.26 -5.00 -5.32
CA LYS A 41 -5.39 -4.11 -5.56
C LYS A 41 -5.71 -3.28 -4.33
N SER A 42 -4.67 -3.00 -3.53
CA SER A 42 -4.86 -2.22 -2.31
C SER A 42 -3.97 -0.98 -2.34
N LEU A 43 -4.60 0.20 -2.32
CA LEU A 43 -3.85 1.45 -2.33
C LEU A 43 -4.18 2.27 -1.10
N THR A 44 -3.14 2.56 -0.30
CA THR A 44 -3.33 3.36 0.91
C THR A 44 -2.13 4.29 1.12
N ILE A 45 -2.20 5.09 2.18
CA ILE A 45 -1.12 6.03 2.48
C ILE A 45 -0.60 5.81 3.90
N ASN A 46 0.61 5.28 4.01
CA ASN A 46 1.21 5.02 5.31
C ASN A 46 0.25 4.21 6.19
N GLY A 47 -0.48 3.31 5.56
CA GLY A 47 -1.43 2.47 6.30
C GLY A 47 -2.60 3.30 6.80
N LYS A 48 -2.95 4.34 6.06
CA LYS A 48 -4.05 5.21 6.45
C LYS A 48 -4.91 5.55 5.24
N GLU A 49 -5.95 4.75 5.01
CA GLU A 49 -6.86 4.99 3.89
C GLU A 49 -7.55 6.35 4.04
N GLN A 50 -7.93 6.93 2.91
CA GLN A 50 -8.60 8.23 2.92
C GLN A 50 -10.12 8.05 2.90
N LEU A 51 -10.79 8.66 3.87
CA LEU A 51 -12.25 8.56 3.95
C LEU A 51 -12.82 9.75 4.71
N LEU A 52 -13.36 10.72 3.99
CA LEU A 52 -13.95 11.89 4.61
C LEU A 52 -15.09 12.44 3.75
N ARG A 53 -16.24 12.65 4.38
CA ARG A 53 -17.40 13.19 3.67
C ARG A 53 -18.28 13.99 4.62
N LEU A 54 -17.84 15.18 4.99
CA LEU A 54 -18.59 16.01 5.92
C LEU A 54 -19.97 16.33 5.37
N ASP A 55 -20.07 16.48 4.05
CA ASP A 55 -21.34 16.80 3.42
C ASP A 55 -22.15 15.53 3.18
N ASN A 56 -23.21 15.35 3.96
CA ASN A 56 -24.05 14.17 3.82
C ASN A 56 -25.16 14.42 2.81
N LYS A 57 -25.05 13.82 1.64
CA LYS A 57 -26.04 13.99 0.58
C LYS A 57 -26.20 15.46 0.22
N PHE A 4 14.50 11.77 -2.06
CA PHE A 4 14.48 10.40 -2.64
C PHE A 4 13.52 9.53 -1.85
N LYS A 5 12.69 8.76 -2.56
CA LYS A 5 11.73 7.88 -1.91
C LYS A 5 12.41 6.63 -1.37
N SER A 6 11.82 6.04 -0.33
CA SER A 6 12.38 4.84 0.27
C SER A 6 11.70 3.59 -0.29
N ILE A 7 12.50 2.72 -0.93
CA ILE A 7 11.95 1.50 -1.50
C ILE A 7 11.96 0.37 -0.47
N SER A 8 10.82 0.19 0.20
CA SER A 8 10.70 -0.87 1.19
C SER A 8 9.48 -1.74 0.91
N ALA A 9 9.62 -3.03 1.17
CA ALA A 9 8.51 -3.97 0.95
C ALA A 9 8.65 -5.19 1.84
N SER A 10 7.54 -5.85 2.14
CA SER A 10 7.55 -7.04 2.97
C SER A 10 6.60 -8.10 2.41
N THR A 11 7.15 -9.26 2.07
CA THR A 11 6.35 -10.33 1.50
C THR A 11 5.82 -11.25 2.59
N LYS A 12 4.74 -11.96 2.29
CA LYS A 12 4.15 -12.89 3.25
C LYS A 12 3.45 -14.04 2.54
N MET A 13 4.16 -15.14 2.36
CA MET A 13 3.59 -16.31 1.71
C MET A 13 3.01 -17.28 2.74
N VAL A 14 1.75 -17.05 3.11
CA VAL A 14 1.09 -17.90 4.10
C VAL A 14 -0.25 -18.39 3.58
N ASN A 15 -0.60 -19.63 3.94
CA ASN A 15 -1.86 -20.22 3.50
C ASN A 15 -1.99 -20.12 1.97
N GLY A 16 -0.85 -20.14 1.28
CA GLY A 16 -0.85 -20.03 -0.17
C GLY A 16 -1.28 -18.64 -0.62
N ARG A 17 -0.96 -17.64 0.20
CA ARG A 17 -1.35 -16.27 -0.11
C ARG A 17 -0.15 -15.34 0.00
N LYS A 18 0.52 -15.11 -1.13
CA LYS A 18 1.69 -14.24 -1.15
C LYS A 18 1.28 -12.78 -0.98
N ILE A 19 1.11 -12.34 0.26
CA ILE A 19 0.73 -10.96 0.53
C ILE A 19 1.97 -10.10 0.75
N THR A 20 2.11 -9.06 -0.07
CA THR A 20 3.26 -8.17 0.04
C THR A 20 2.82 -6.71 0.06
N THR A 21 3.37 -5.95 1.00
CA THR A 21 3.03 -4.54 1.11
C THR A 21 4.19 -3.65 0.65
N LYS A 22 3.91 -2.75 -0.28
CA LYS A 22 4.94 -1.89 -0.83
C LYS A 22 4.95 -0.55 -0.10
N ARG A 23 5.97 -0.34 0.73
CA ARG A 23 6.12 0.92 1.46
C ARG A 23 7.05 1.87 0.72
N ILE A 24 6.52 3.01 0.28
CA ILE A 24 7.32 3.99 -0.43
C ILE A 24 7.21 5.36 0.24
N VAL A 25 8.26 5.77 0.91
CA VAL A 25 8.23 6.99 1.71
C VAL A 25 8.84 8.16 0.93
N GLU A 26 7.98 9.00 0.36
CA GLU A 26 8.45 10.18 -0.36
C GLU A 26 7.80 11.44 0.20
N ASN A 27 8.63 12.36 0.70
CA ASN A 27 8.12 13.58 1.29
C ASN A 27 7.15 13.27 2.42
N GLY A 28 7.46 12.24 3.20
CA GLY A 28 6.62 11.86 4.32
C GLY A 28 5.31 11.24 3.85
N GLN A 29 5.39 10.44 2.79
CA GLN A 29 4.21 9.80 2.23
C GLN A 29 4.49 8.35 1.89
N GLU A 30 4.18 7.46 2.83
CA GLU A 30 4.40 6.02 2.61
C GLU A 30 3.22 5.42 1.85
N ARG A 31 3.51 4.86 0.67
CA ARG A 31 2.48 4.22 -0.13
C ARG A 31 2.22 2.81 0.37
N VAL A 32 1.01 2.31 0.13
CA VAL A 32 0.64 0.97 0.57
C VAL A 32 0.07 0.16 -0.59
N GLU A 33 0.60 -1.04 -0.78
CA GLU A 33 0.11 -1.93 -1.83
C GLU A 33 0.15 -3.38 -1.37
N VAL A 34 -0.95 -3.84 -0.78
CA VAL A 34 -1.01 -5.21 -0.28
C VAL A 34 -1.47 -6.17 -1.38
N GLU A 35 -0.74 -7.27 -1.53
CA GLU A 35 -1.05 -8.24 -2.58
C GLU A 35 -2.04 -9.28 -2.09
N GLU A 36 -3.14 -9.44 -2.82
CA GLU A 36 -4.15 -10.43 -2.47
C GLU A 36 -4.13 -11.59 -3.46
N ASP A 37 -3.67 -12.75 -3.00
CA ASP A 37 -3.57 -13.92 -3.87
C ASP A 37 -2.78 -13.58 -5.13
N GLY A 38 -1.67 -12.86 -4.94
CA GLY A 38 -0.83 -12.47 -6.07
C GLY A 38 -1.52 -11.40 -6.91
N GLN A 39 -2.39 -10.62 -6.28
CA GLN A 39 -3.11 -9.56 -6.98
C GLN A 39 -3.36 -8.39 -6.05
N LEU A 40 -2.73 -7.25 -6.35
CA LEU A 40 -2.88 -6.06 -5.51
C LEU A 40 -4.34 -5.61 -5.48
N LYS A 41 -4.82 -5.29 -4.28
CA LYS A 41 -6.19 -4.82 -4.13
C LYS A 41 -6.25 -3.65 -3.15
N SER A 42 -5.08 -3.15 -2.76
CA SER A 42 -5.00 -2.03 -1.83
C SER A 42 -4.03 -0.98 -2.34
N LEU A 43 -4.37 0.28 -2.11
CA LEU A 43 -3.50 1.39 -2.54
C LEU A 43 -3.84 2.66 -1.77
N THR A 44 -2.93 3.08 -0.90
CA THR A 44 -3.13 4.30 -0.12
C THR A 44 -1.83 5.07 0.02
N ILE A 45 -1.93 6.34 0.38
CA ILE A 45 -0.75 7.17 0.59
C ILE A 45 -0.75 7.76 2.00
N ASN A 46 0.21 7.34 2.82
CA ASN A 46 0.27 7.82 4.19
C ASN A 46 -1.06 7.60 4.91
N GLY A 47 -1.72 6.49 4.60
CA GLY A 47 -3.00 6.18 5.22
C GLY A 47 -4.08 7.15 4.75
N LYS A 48 -4.04 7.50 3.47
CA LYS A 48 -5.00 8.45 2.93
C LYS A 48 -5.31 8.11 1.47
N GLU A 49 -6.47 7.50 1.24
CA GLU A 49 -6.88 7.16 -0.11
C GLU A 49 -6.98 8.41 -0.97
N GLN A 50 -6.39 8.33 -2.18
CA GLN A 50 -6.42 9.47 -3.09
C GLN A 50 -7.58 9.34 -4.08
N LEU A 51 -8.49 10.31 -4.04
CA LEU A 51 -9.65 10.28 -4.93
C LEU A 51 -9.27 10.85 -6.30
N LEU A 52 -8.88 12.13 -6.32
CA LEU A 52 -8.50 12.78 -7.57
C LEU A 52 -7.34 13.74 -7.33
N ARG A 53 -6.61 14.07 -8.39
CA ARG A 53 -5.49 14.99 -8.29
C ARG A 53 -5.15 15.58 -9.65
N LEU A 54 -4.96 14.72 -10.65
CA LEU A 54 -4.70 15.19 -12.00
C LEU A 54 -5.38 14.28 -13.02
N ASP A 55 -5.41 12.99 -12.73
CA ASP A 55 -6.04 12.03 -13.62
C ASP A 55 -7.57 12.19 -13.60
N ASN A 56 -8.19 11.94 -14.74
CA ASN A 56 -9.64 12.06 -14.84
C ASN A 56 -10.33 10.78 -14.39
N LYS A 57 -11.43 10.93 -13.66
CA LYS A 57 -12.17 9.77 -13.18
C LYS A 57 -11.26 8.86 -12.36
N PHE A 4 13.44 12.44 0.56
CA PHE A 4 14.23 11.23 0.23
C PHE A 4 13.29 10.10 -0.15
N LYS A 5 13.52 9.49 -1.31
CA LYS A 5 12.69 8.39 -1.76
C LYS A 5 13.10 7.09 -1.09
N SER A 6 12.11 6.33 -0.61
CA SER A 6 12.38 5.06 0.06
C SER A 6 11.76 3.91 -0.72
N ILE A 7 12.56 2.90 -0.99
CA ILE A 7 12.08 1.72 -1.71
C ILE A 7 12.14 0.48 -0.80
N SER A 8 11.03 0.20 -0.13
CA SER A 8 10.98 -0.96 0.76
C SER A 8 9.75 -1.81 0.45
N ALA A 9 9.89 -3.13 0.64
CA ALA A 9 8.78 -4.04 0.39
C ALA A 9 8.93 -5.30 1.24
N SER A 10 7.81 -5.97 1.49
CA SER A 10 7.82 -7.20 2.28
C SER A 10 6.77 -8.17 1.77
N THR A 11 7.10 -9.46 1.83
CA THR A 11 6.19 -10.49 1.36
C THR A 11 5.79 -11.42 2.50
N LYS A 12 4.59 -12.00 2.41
CA LYS A 12 4.09 -12.89 3.44
C LYS A 12 3.22 -13.99 2.84
N MET A 13 3.82 -15.17 2.64
CA MET A 13 3.07 -16.30 2.10
C MET A 13 2.35 -17.05 3.22
N VAL A 14 1.12 -16.66 3.51
CA VAL A 14 0.36 -17.26 4.60
C VAL A 14 -0.79 -18.09 4.06
N ASN A 15 -0.82 -19.37 4.43
CA ASN A 15 -1.90 -20.26 4.00
C ASN A 15 -2.09 -20.17 2.50
N GLY A 16 -0.98 -20.11 1.76
CA GLY A 16 -1.05 -20.03 0.31
C GLY A 16 -1.55 -18.66 -0.15
N ARG A 17 -1.24 -17.64 0.64
CA ARG A 17 -1.67 -16.28 0.30
C ARG A 17 -0.48 -15.33 0.32
N LYS A 18 0.16 -15.16 -0.84
CA LYS A 18 1.34 -14.31 -0.94
C LYS A 18 0.95 -12.84 -0.82
N ILE A 19 1.13 -12.28 0.37
CA ILE A 19 0.82 -10.87 0.60
C ILE A 19 2.10 -10.04 0.54
N THR A 20 2.13 -9.09 -0.40
CA THR A 20 3.31 -8.23 -0.56
C THR A 20 2.92 -6.78 -0.39
N THR A 21 3.60 -6.09 0.53
CA THR A 21 3.30 -4.70 0.80
C THR A 21 4.45 -3.80 0.35
N LYS A 22 4.14 -2.81 -0.48
CA LYS A 22 5.16 -1.91 -1.01
C LYS A 22 5.17 -0.60 -0.23
N ARG A 23 6.23 -0.39 0.55
CA ARG A 23 6.37 0.85 1.30
C ARG A 23 7.24 1.85 0.54
N ILE A 24 6.65 2.99 0.18
CA ILE A 24 7.38 4.00 -0.57
C ILE A 24 7.22 5.37 0.09
N VAL A 25 8.33 5.94 0.54
CA VAL A 25 8.30 7.19 1.29
C VAL A 25 8.87 8.33 0.45
N GLU A 26 7.98 9.12 -0.15
CA GLU A 26 8.41 10.26 -0.96
C GLU A 26 7.69 11.52 -0.52
N ASN A 27 8.44 12.51 -0.05
CA ASN A 27 7.85 13.76 0.41
C ASN A 27 6.82 13.49 1.50
N GLY A 28 7.12 12.52 2.36
CA GLY A 28 6.23 12.20 3.47
C GLY A 28 4.96 11.51 2.96
N GLN A 29 5.13 10.58 2.02
CA GLN A 29 4.00 9.86 1.46
C GLN A 29 4.30 8.36 1.41
N GLU A 30 3.90 7.64 2.44
CA GLU A 30 4.11 6.20 2.50
C GLU A 30 3.01 5.47 1.75
N ARG A 31 3.29 5.08 0.51
CA ARG A 31 2.31 4.36 -0.30
C ARG A 31 2.24 2.90 0.13
N VAL A 32 1.05 2.33 0.06
CA VAL A 32 0.85 0.95 0.46
C VAL A 32 0.27 0.12 -0.69
N GLU A 33 0.92 -0.99 -0.99
CA GLU A 33 0.45 -1.88 -2.05
C GLU A 33 0.44 -3.32 -1.59
N VAL A 34 -0.69 -3.75 -1.02
CA VAL A 34 -0.81 -5.11 -0.50
C VAL A 34 -1.28 -6.06 -1.61
N GLU A 35 -0.61 -7.20 -1.71
CA GLU A 35 -0.95 -8.18 -2.75
C GLU A 35 -1.98 -9.18 -2.22
N GLU A 36 -3.11 -9.27 -2.91
CA GLU A 36 -4.16 -10.20 -2.50
C GLU A 36 -4.20 -11.42 -3.42
N ASP A 37 -3.85 -12.57 -2.87
CA ASP A 37 -3.82 -13.80 -3.67
C ASP A 37 -3.07 -13.59 -4.97
N GLY A 38 -1.91 -12.94 -4.88
CA GLY A 38 -1.09 -12.67 -6.05
C GLY A 38 -1.77 -11.62 -6.94
N GLN A 39 -2.53 -10.72 -6.33
CA GLN A 39 -3.22 -9.68 -7.07
C GLN A 39 -3.34 -8.41 -6.25
N LEU A 40 -2.67 -7.35 -6.70
CA LEU A 40 -2.67 -6.10 -5.97
C LEU A 40 -4.04 -5.44 -6.03
N LYS A 41 -4.58 -5.09 -4.86
CA LYS A 41 -5.89 -4.46 -4.80
C LYS A 41 -5.95 -3.48 -3.62
N SER A 42 -4.78 -3.02 -3.17
CA SER A 42 -4.71 -2.08 -2.07
C SER A 42 -3.78 -0.92 -2.42
N LEU A 43 -4.25 0.31 -2.18
CA LEU A 43 -3.45 1.49 -2.47
C LEU A 43 -3.80 2.61 -1.50
N THR A 44 -2.95 2.81 -0.50
CA THR A 44 -3.19 3.87 0.50
C THR A 44 -1.91 4.65 0.73
N ILE A 45 -2.05 5.84 1.32
CA ILE A 45 -0.90 6.67 1.64
C ILE A 45 -0.90 7.03 3.12
N ASN A 46 0.15 6.60 3.83
CA ASN A 46 0.25 6.85 5.26
C ASN A 46 -1.02 6.35 5.97
N GLY A 47 -1.58 5.26 5.48
CA GLY A 47 -2.78 4.69 6.07
C GLY A 47 -3.98 5.62 5.87
N LYS A 48 -4.05 6.24 4.70
CA LYS A 48 -5.13 7.17 4.39
C LYS A 48 -5.51 7.09 2.92
N GLU A 49 -6.59 6.36 2.63
CA GLU A 49 -7.06 6.22 1.27
C GLU A 49 -7.46 7.57 0.69
N GLN A 50 -7.00 7.86 -0.53
CA GLN A 50 -7.32 9.13 -1.17
C GLN A 50 -8.53 8.98 -2.07
N LEU A 51 -9.53 9.82 -1.87
CA LEU A 51 -10.74 9.77 -2.68
C LEU A 51 -11.45 11.12 -2.66
N LEU A 52 -11.21 11.92 -3.69
CA LEU A 52 -11.84 13.23 -3.79
C LEU A 52 -12.21 13.55 -5.24
N ARG A 53 -13.11 14.51 -5.41
CA ARG A 53 -13.55 14.89 -6.75
C ARG A 53 -14.11 16.31 -6.75
N LEU A 54 -14.93 16.61 -5.76
CA LEU A 54 -15.49 17.96 -5.63
C LEU A 54 -15.83 18.26 -4.17
N ASP A 55 -16.30 17.24 -3.45
CA ASP A 55 -16.66 17.41 -2.05
C ASP A 55 -15.41 17.58 -1.19
N ASN A 56 -15.53 18.37 -0.13
CA ASN A 56 -14.40 18.63 0.76
C ASN A 56 -14.29 17.51 1.80
N LYS A 57 -13.27 17.62 2.66
CA LYS A 57 -13.06 16.61 3.69
C LYS A 57 -12.87 15.23 3.06
#